data_6R8W
#
_entry.id   6R8W
#
_cell.length_a   57.099
_cell.length_b   57.099
_cell.length_c   116.073
_cell.angle_alpha   90.00
_cell.angle_beta   90.00
_cell.angle_gamma   90.00
#
_symmetry.space_group_name_H-M   'P 43 21 2'
#
loop_
_entity.id
_entity.type
_entity.pdbx_description
1 polymer 'Peptidyl-prolyl cis-trans isomerase F, mitochondrial'
2 non-polymer 1,4,7,10,13,16-HEXAOXACYCLOOCTADECANE
3 non-polymer 'HEXAETHYLENE GLYCOL'
4 non-polymer 2-(exo-3,5-Dioxo-4-aza-tricyclo[5.2.1.02,6]dec-4-yl)-N-((1R,9R,10S)-10-hydroxy-12-oxa-8-aza-tricyclo[7.3.1.02,7]trideca-2(7),3,5-trien-4-ylmethyl)-acetamide
5 water water
#
_entity_poly.entity_id   1
_entity_poly.type   'polypeptide(L)'
_entity_poly.pdbx_seq_one_letter_code
;GNPLVYLDVDANGKPLGRVVLELKADVVPKTAENFRALCTGEKGFGYKGSTFHRVIPSFMCQAGDFTNHNGTGGKSIYGS
RFPDENFTLKHVGPGVLSMANAGPNTNGSQFFICTIKTDWLDGKHVVFGHVIEGMDVVKKIESFGSKSGRTSKKIVITDC
GQLS
;
_entity_poly.pdbx_strand_id   A
#
# COMPACT_ATOMS: atom_id res chain seq x y z
N GLY A 1 -0.01 13.52 16.55
CA GLY A 1 0.16 12.03 16.39
C GLY A 1 0.15 11.56 14.95
N ASN A 2 0.31 10.26 14.79
CA ASN A 2 0.28 9.55 13.50
C ASN A 2 -1.11 9.08 13.17
N PRO A 3 -1.53 9.15 11.88
CA PRO A 3 -2.79 8.61 11.45
C PRO A 3 -2.91 7.07 11.57
N LEU A 4 -4.09 6.62 11.94
CA LEU A 4 -4.48 5.20 11.75
C LEU A 4 -5.47 5.17 10.65
N VAL A 5 -5.21 4.38 9.62
CA VAL A 5 -6.13 4.22 8.50
C VAL A 5 -6.44 2.73 8.35
N TYR A 6 -7.43 2.45 7.52
CA TYR A 6 -7.89 1.06 7.28
C TYR A 6 -8.20 0.78 5.82
N LEU A 7 -8.00 -0.50 5.46
CA LEU A 7 -8.44 -1.01 4.18
C LEU A 7 -9.33 -2.24 4.45
N ASP A 8 -10.54 -2.22 3.89
CA ASP A 8 -11.44 -3.43 3.91
C ASP A 8 -11.30 -4.06 2.54
N VAL A 9 -10.95 -5.36 2.54
CA VAL A 9 -10.50 -6.02 1.33
C VAL A 9 -11.38 -7.22 1.12
N ASP A 10 -11.79 -7.42 -0.12
CA ASP A 10 -12.54 -8.61 -0.51
C ASP A 10 -11.78 -9.40 -1.61
N ALA A 11 -12.15 -10.67 -1.78
CA ALA A 11 -11.67 -11.49 -2.91
C ALA A 11 -12.88 -12.05 -3.61
N ASN A 12 -13.01 -11.74 -4.89
CA ASN A 12 -14.15 -12.16 -5.70
C ASN A 12 -15.45 -11.78 -5.02
N GLY A 13 -15.48 -10.60 -4.44
CA GLY A 13 -16.67 -10.09 -3.76
C GLY A 13 -16.93 -10.61 -2.36
N LYS A 14 -16.05 -11.46 -1.84
CA LYS A 14 -16.22 -12.00 -0.50
C LYS A 14 -15.24 -11.32 0.43
N PRO A 15 -15.73 -10.80 1.54
CA PRO A 15 -14.89 -10.07 2.48
C PRO A 15 -13.80 -10.86 3.18
N LEU A 16 -12.57 -10.36 3.10
CA LEU A 16 -11.44 -10.93 3.83
C LEU A 16 -11.18 -10.35 5.21
N GLY A 17 -11.67 -9.13 5.45
CA GLY A 17 -11.44 -8.44 6.70
C GLY A 17 -10.78 -7.08 6.49
N ARG A 18 -10.28 -6.55 7.58
CA ARG A 18 -9.74 -5.18 7.67
C ARG A 18 -8.26 -5.20 7.99
N VAL A 19 -7.50 -4.38 7.24
CA VAL A 19 -6.11 -4.15 7.54
C VAL A 19 -6.01 -2.72 8.12
N VAL A 20 -5.43 -2.61 9.30
CA VAL A 20 -5.24 -1.30 9.95
C VAL A 20 -3.77 -0.95 9.89
N LEU A 21 -3.48 0.28 9.42
CA LEU A 21 -2.12 0.73 9.17
C LEU A 21 -1.82 2.00 9.97
N GLU A 22 -0.67 2.07 10.58
CA GLU A 22 -0.14 3.29 11.15
C GLU A 22 0.71 3.95 10.04
N LEU A 23 0.49 5.25 9.87
CA LEU A 23 1.25 6.05 8.88
C LEU A 23 2.24 6.90 9.67
N LYS A 24 3.54 6.81 9.35
CA LYS A 24 4.59 7.41 10.15
C LYS A 24 4.82 8.88 9.74
N ALA A 25 3.84 9.69 10.05
CA ALA A 25 3.83 11.16 9.73
C ALA A 25 4.93 11.88 10.49
N ASP A 26 5.31 11.36 11.67
CA ASP A 26 6.49 11.85 12.39
C ASP A 26 7.85 11.73 11.65
N VAL A 27 7.94 10.80 10.70
CA VAL A 27 9.17 10.54 9.95
C VAL A 27 9.00 10.99 8.47
N VAL A 28 7.85 10.72 7.88
CA VAL A 28 7.61 11.03 6.43
C VAL A 28 6.23 11.67 6.31
N PRO A 29 6.11 12.94 6.79
CA PRO A 29 4.80 13.57 6.75
C PRO A 29 4.14 13.67 5.36
N LYS A 30 4.93 14.01 4.34
CA LYS A 30 4.34 14.17 3.01
C LYS A 30 3.81 12.87 2.42
N THR A 31 4.58 11.83 2.65
CA THR A 31 4.23 10.48 2.16
C THR A 31 3.03 9.94 2.94
N ALA A 32 3.06 10.12 4.26
CA ALA A 32 1.92 9.68 5.09
C ALA A 32 0.61 10.39 4.72
N GLU A 33 0.71 11.70 4.49
CA GLU A 33 -0.44 12.51 4.17
C GLU A 33 -1.07 12.10 2.87
N ASN A 34 -0.23 11.75 1.89
CA ASN A 34 -0.69 11.28 0.59
C ASN A 34 -1.53 10.02 0.78
N PHE A 35 -0.98 9.05 1.49
CA PHE A 35 -1.69 7.80 1.73
C PHE A 35 -2.98 8.03 2.52
N ARG A 36 -2.89 8.82 3.57
CA ARG A 36 -4.06 9.13 4.39
C ARG A 36 -5.21 9.69 3.56
N ALA A 37 -4.91 10.71 2.77
CA ALA A 37 -5.91 11.36 1.94
C ALA A 37 -6.46 10.40 0.88
N LEU A 38 -5.61 9.55 0.34
CA LEU A 38 -6.09 8.56 -0.66
C LEU A 38 -7.01 7.51 -0.03
N CYS A 39 -6.81 7.23 1.27
CA CYS A 39 -7.72 6.35 2.02
C CYS A 39 -9.08 7.03 2.28
N THR A 40 -9.07 8.31 2.64
CA THR A 40 -10.34 8.98 2.89
C THR A 40 -11.09 9.36 1.61
N GLY A 41 -10.33 9.52 0.49
CA GLY A 41 -10.94 9.97 -0.74
C GLY A 41 -11.25 11.47 -0.80
N GLU A 42 -10.75 12.21 0.21
CA GLU A 42 -11.14 13.61 0.36
C GLU A 42 -10.71 14.54 -0.77
N LYS A 43 -9.71 14.15 -1.59
CA LYS A 43 -9.34 14.94 -2.80
C LYS A 43 -10.17 14.61 -4.03
N GLY A 44 -11.12 13.68 -3.92
CA GLY A 44 -11.99 13.28 -5.03
C GLY A 44 -11.54 12.03 -5.76
N PHE A 45 -10.46 11.44 -5.29
CA PHE A 45 -9.94 10.17 -5.86
C PHE A 45 -9.24 9.42 -4.72
N GLY A 46 -8.94 8.16 -4.95
CA GLY A 46 -8.30 7.38 -3.93
C GLY A 46 -8.45 5.88 -4.11
N TYR A 47 -8.18 5.15 -3.04
CA TYR A 47 -8.08 3.68 -3.16
C TYR A 47 -9.42 2.93 -3.22
N LYS A 48 -10.51 3.52 -2.76
CA LYS A 48 -11.79 2.79 -2.69
C LYS A 48 -12.16 2.27 -4.09
N GLY A 49 -12.44 0.96 -4.19
CA GLY A 49 -12.83 0.34 -5.48
C GLY A 49 -11.69 -0.16 -6.37
N SER A 50 -10.45 0.03 -5.91
CA SER A 50 -9.26 -0.39 -6.65
C SER A 50 -8.75 -1.74 -6.10
N THR A 51 -7.68 -2.29 -6.70
CA THR A 51 -7.31 -3.67 -6.53
C THR A 51 -5.89 -3.85 -6.00
N PHE A 52 -5.62 -5.01 -5.44
CA PHE A 52 -4.27 -5.53 -5.31
C PHE A 52 -3.95 -6.24 -6.62
N HIS A 53 -3.14 -5.62 -7.47
CA HIS A 53 -2.91 -6.13 -8.84
C HIS A 53 -1.69 -7.05 -8.94
N ARG A 54 -0.81 -7.04 -7.94
CA ARG A 54 0.33 -7.92 -7.92
C ARG A 54 0.56 -8.39 -6.51
N VAL A 55 0.49 -9.70 -6.36
CA VAL A 55 0.62 -10.34 -5.05
C VAL A 55 1.57 -11.54 -5.21
N ILE A 56 2.71 -11.46 -4.53
CA ILE A 56 3.75 -12.51 -4.61
C ILE A 56 3.89 -13.15 -3.23
N PRO A 57 3.48 -14.44 -3.09
CA PRO A 57 3.61 -15.06 -1.77
C PRO A 57 5.07 -15.09 -1.29
N SER A 58 5.27 -14.94 0.02
CA SER A 58 6.61 -14.85 0.63
C SER A 58 7.41 -13.64 0.14
N PHE A 59 6.70 -12.56 -0.19
CA PHE A 59 7.36 -11.34 -0.63
C PHE A 59 6.54 -10.13 -0.24
N MET A 60 5.48 -9.84 -0.99
CA MET A 60 4.69 -8.62 -0.74
C MET A 60 3.38 -8.62 -1.54
N CYS A 61 2.45 -7.78 -1.09
CA CYS A 61 1.18 -7.50 -1.74
C CYS A 61 1.13 -6.04 -2.17
N GLN A 62 0.88 -5.84 -3.48
CA GLN A 62 0.96 -4.52 -4.12
C GLN A 62 -0.39 -4.06 -4.61
N ALA A 63 -0.66 -2.78 -4.38
CA ALA A 63 -1.94 -2.17 -4.70
C ALA A 63 -1.74 -0.69 -5.06
N GLY A 64 -2.85 0.02 -5.20
CA GLY A 64 -2.82 1.48 -5.34
C GLY A 64 -2.92 2.03 -6.75
N ASP A 65 -2.96 1.18 -7.79
CA ASP A 65 -3.13 1.68 -9.16
C ASP A 65 -4.60 1.85 -9.45
N PHE A 66 -5.15 2.94 -8.95
CA PHE A 66 -6.58 3.21 -9.11
C PHE A 66 -6.95 3.88 -10.41
N THR A 67 -5.98 4.20 -11.28
CA THR A 67 -6.27 4.82 -12.59
C THR A 67 -6.29 3.78 -13.72
N ASN A 68 -5.28 2.93 -13.76
CA ASN A 68 -5.12 1.89 -14.81
C ASN A 68 -5.34 0.44 -14.33
N HIS A 69 -5.28 0.19 -13.03
CA HIS A 69 -5.57 -1.10 -12.44
C HIS A 69 -4.64 -2.20 -12.94
N ASN A 70 -3.44 -1.80 -13.37
CA ASN A 70 -2.51 -2.78 -13.96
C ASN A 70 -1.04 -2.59 -13.59
N GLY A 71 -0.73 -1.67 -12.67
CA GLY A 71 0.64 -1.38 -12.27
C GLY A 71 1.36 -0.27 -13.01
N THR A 72 0.70 0.31 -14.01
CA THR A 72 1.27 1.41 -14.76
C THR A 72 0.83 2.78 -14.25
N GLY A 73 -0.19 2.84 -13.39
CA GLY A 73 -0.86 4.08 -13.02
C GLY A 73 -0.85 4.44 -11.55
N GLY A 74 -1.92 5.12 -11.16
CA GLY A 74 -1.96 5.78 -9.86
C GLY A 74 -1.44 7.18 -9.99
N LYS A 75 -1.83 8.00 -9.04
CA LYS A 75 -1.36 9.37 -8.90
C LYS A 75 -1.43 9.80 -7.44
N SER A 76 -0.64 10.78 -7.08
CA SER A 76 -0.61 11.33 -5.72
C SER A 76 -1.60 12.48 -5.57
N ILE A 77 -1.82 12.89 -4.32
CA ILE A 77 -2.65 14.05 -4.03
C ILE A 77 -1.96 15.33 -4.48
N TYR A 78 -0.68 15.25 -4.75
CA TYR A 78 0.14 16.46 -5.09
C TYR A 78 0.25 16.67 -6.59
N GLY A 79 0.03 15.62 -7.37
CA GLY A 79 0.36 15.60 -8.77
C GLY A 79 0.67 14.18 -9.20
N SER A 80 1.17 14.02 -10.41
CA SER A 80 1.39 12.69 -10.98
C SER A 80 2.51 11.89 -10.31
N ARG A 81 3.44 12.58 -9.66
CA ARG A 81 4.55 12.01 -8.95
C ARG A 81 5.10 13.00 -7.95
N PHE A 82 5.75 12.46 -6.93
CA PHE A 82 6.46 13.30 -5.95
C PHE A 82 7.76 12.68 -5.47
N PRO A 83 8.68 13.54 -4.96
CA PRO A 83 10.01 13.06 -4.58
C PRO A 83 10.03 12.01 -3.46
N ASP A 84 11.11 11.24 -3.46
CA ASP A 84 11.41 10.39 -2.29
C ASP A 84 11.71 11.32 -1.11
N GLU A 85 10.92 11.19 -0.05
CA GLU A 85 10.97 12.10 1.07
C GLU A 85 12.22 11.86 1.92
N ASN A 86 12.39 10.62 2.35
CA ASN A 86 13.64 10.13 2.92
C ASN A 86 13.59 8.58 2.91
N PHE A 87 14.71 7.96 3.29
CA PHE A 87 14.82 6.50 3.42
C PHE A 87 15.12 6.08 4.87
N THR A 88 14.60 6.85 5.80
CA THR A 88 14.93 6.64 7.24
C THR A 88 14.39 5.31 7.77
N LEU A 89 13.16 4.99 7.43
CA LEU A 89 12.55 3.70 7.79
C LEU A 89 12.96 2.61 6.86
N LYS A 90 13.22 1.44 7.38
CA LYS A 90 13.71 0.30 6.62
C LYS A 90 12.68 -0.83 6.53
N HIS A 91 12.96 -1.74 5.60
CA HIS A 91 12.11 -2.88 5.30
C HIS A 91 12.50 -4.01 6.22
N VAL A 92 12.03 -3.91 7.47
CA VAL A 92 12.55 -4.74 8.57
C VAL A 92 11.89 -6.09 8.74
N GLY A 93 10.74 -6.30 8.13
CA GLY A 93 9.95 -7.50 8.35
C GLY A 93 8.58 -7.46 7.78
N PRO A 94 7.78 -8.52 7.97
CA PRO A 94 6.40 -8.57 7.57
C PRO A 94 5.61 -7.40 8.15
N GLY A 95 4.71 -6.83 7.36
CA GLY A 95 3.86 -5.74 7.80
C GLY A 95 4.32 -4.32 7.46
N VAL A 96 5.53 -4.20 6.94
CA VAL A 96 6.07 -2.91 6.47
C VAL A 96 5.25 -2.42 5.28
N LEU A 97 4.88 -1.14 5.35
CA LEU A 97 4.14 -0.43 4.30
C LEU A 97 5.08 0.54 3.60
N SER A 98 5.18 0.39 2.27
CA SER A 98 6.22 1.07 1.51
C SER A 98 5.71 1.48 0.12
N MET A 99 6.35 2.54 -0.45
CA MET A 99 5.92 3.09 -1.75
C MET A 99 6.52 2.33 -2.89
N ALA A 100 5.64 1.92 -3.80
CA ALA A 100 6.09 1.45 -5.11
C ALA A 100 6.66 2.65 -5.89
N ASN A 101 7.50 2.37 -6.85
CA ASN A 101 7.95 3.44 -7.73
C ASN A 101 8.45 2.91 -9.06
N ALA A 102 8.76 3.84 -9.95
CA ALA A 102 9.36 3.57 -11.27
C ALA A 102 10.76 4.19 -11.39
N GLY A 103 11.51 4.16 -10.29
CA GLY A 103 12.82 4.75 -10.15
C GLY A 103 12.79 5.93 -9.18
N PRO A 104 13.93 6.64 -9.03
CA PRO A 104 14.00 7.75 -8.10
C PRO A 104 12.95 8.83 -8.32
N ASN A 105 12.32 9.26 -7.26
CA ASN A 105 11.42 10.40 -7.28
C ASN A 105 10.21 10.20 -8.21
N THR A 106 9.56 9.04 -8.06
CA THR A 106 8.40 8.67 -8.87
C THR A 106 7.29 8.05 -8.03
N ASN A 107 7.19 8.51 -6.77
CA ASN A 107 6.05 8.10 -5.94
C ASN A 107 4.75 8.65 -6.46
N GLY A 108 3.71 7.81 -6.49
CA GLY A 108 2.38 8.22 -6.86
C GLY A 108 1.41 7.77 -5.80
N SER A 109 0.67 6.72 -6.07
CA SER A 109 -0.24 6.10 -5.12
C SER A 109 0.01 4.63 -4.93
N GLN A 110 0.78 3.97 -5.81
CA GLN A 110 1.03 2.57 -5.61
C GLN A 110 1.93 2.32 -4.40
N PHE A 111 1.61 1.21 -3.70
CA PHE A 111 2.21 0.85 -2.45
C PHE A 111 2.24 -0.66 -2.31
N PHE A 112 3.00 -1.10 -1.32
CA PHE A 112 3.01 -2.55 -1.04
C PHE A 112 3.14 -2.77 0.47
N ILE A 113 2.61 -3.92 0.89
CA ILE A 113 2.73 -4.40 2.28
C ILE A 113 3.61 -5.65 2.19
N CYS A 114 4.71 -5.64 2.93
CA CYS A 114 5.66 -6.76 2.91
C CYS A 114 5.11 -7.95 3.69
N THR A 115 5.32 -9.17 3.18
CA THR A 115 5.02 -10.41 3.98
C THR A 115 6.31 -11.10 4.49
N ILE A 116 7.44 -10.48 4.22
CA ILE A 116 8.79 -10.89 4.71
C ILE A 116 9.65 -9.64 4.86
N LYS A 117 10.83 -9.79 5.43
CA LYS A 117 11.87 -8.75 5.43
C LYS A 117 12.38 -8.54 4.00
N THR A 118 12.22 -7.33 3.47
CA THR A 118 12.62 -6.99 2.09
C THR A 118 13.72 -5.92 2.12
N ASP A 119 14.77 -6.20 2.88
CA ASP A 119 15.82 -5.24 3.13
C ASP A 119 16.66 -4.79 1.91
N TRP A 120 16.60 -5.58 0.83
CA TRP A 120 17.22 -5.22 -0.45
C TRP A 120 16.53 -4.02 -1.12
N LEU A 121 15.37 -3.64 -0.61
CA LEU A 121 14.66 -2.43 -1.03
C LEU A 121 14.99 -1.17 -0.22
N ASP A 122 15.79 -1.30 0.84
CA ASP A 122 16.19 -0.16 1.65
C ASP A 122 16.97 0.84 0.81
N GLY A 123 16.60 2.10 0.94
CA GLY A 123 17.25 3.19 0.23
C GLY A 123 16.69 3.43 -1.16
N LYS A 124 15.76 2.58 -1.57
N LYS A 124 15.77 2.57 -1.58
CA LYS A 124 15.15 2.65 -2.91
CA LYS A 124 15.17 2.61 -2.92
C LYS A 124 13.66 2.87 -2.87
C LYS A 124 13.66 2.83 -2.90
N HIS A 125 12.99 2.35 -1.84
CA HIS A 125 11.58 2.56 -1.65
C HIS A 125 11.36 3.21 -0.32
N VAL A 126 10.49 4.20 -0.30
CA VAL A 126 10.17 4.95 0.89
C VAL A 126 9.18 4.18 1.74
N VAL A 127 9.65 3.72 2.91
CA VAL A 127 8.78 3.13 3.92
C VAL A 127 8.09 4.22 4.72
N PHE A 128 6.77 4.06 4.89
CA PHE A 128 6.01 5.12 5.56
C PHE A 128 4.98 4.63 6.59
N GLY A 129 5.02 3.34 6.91
CA GLY A 129 4.18 2.85 7.97
C GLY A 129 4.23 1.34 8.12
N HIS A 130 3.28 0.84 8.88
CA HIS A 130 3.24 -0.61 9.13
C HIS A 130 1.86 -1.03 9.52
N VAL A 131 1.65 -2.35 9.48
CA VAL A 131 0.39 -2.99 9.88
C VAL A 131 0.29 -3.01 11.42
N ILE A 132 -0.83 -2.47 11.90
CA ILE A 132 -1.19 -2.48 13.33
C ILE A 132 -1.98 -3.75 13.66
N GLU A 133 -3.00 -4.05 12.88
CA GLU A 133 -3.80 -5.29 12.98
C GLU A 133 -4.25 -5.71 11.61
N GLY A 134 -4.69 -6.95 11.48
CA GLY A 134 -5.10 -7.49 10.21
C GLY A 134 -3.97 -8.08 9.38
N MET A 135 -2.84 -8.40 9.98
CA MET A 135 -1.83 -9.18 9.27
C MET A 135 -2.42 -10.51 8.77
N ASP A 136 -3.33 -11.10 9.55
CA ASP A 136 -4.04 -12.30 9.06
C ASP A 136 -4.80 -12.07 7.76
N VAL A 137 -5.33 -10.84 7.59
CA VAL A 137 -6.03 -10.46 6.34
C VAL A 137 -4.99 -10.35 5.20
N VAL A 138 -3.83 -9.82 5.52
CA VAL A 138 -2.75 -9.71 4.51
C VAL A 138 -2.32 -11.10 4.05
N LYS A 139 -2.29 -12.04 5.00
CA LYS A 139 -1.95 -13.44 4.66
C LYS A 139 -3.03 -14.08 3.76
N LYS A 140 -4.30 -13.75 3.99
CA LYS A 140 -5.37 -14.14 3.09
C LYS A 140 -5.16 -13.57 1.67
N ILE A 141 -4.81 -12.29 1.57
CA ILE A 141 -4.52 -11.69 0.27
C ILE A 141 -3.38 -12.45 -0.39
N GLU A 142 -2.32 -12.70 0.37
CA GLU A 142 -1.12 -13.38 -0.09
C GLU A 142 -1.44 -14.77 -0.66
N SER A 143 -2.40 -15.45 -0.05
CA SER A 143 -2.81 -16.78 -0.51
C SER A 143 -3.45 -16.79 -1.92
N PHE A 144 -3.98 -15.67 -2.38
CA PHE A 144 -4.53 -15.55 -3.74
C PHE A 144 -3.55 -15.01 -4.79
N GLY A 145 -2.28 -14.95 -4.47
CA GLY A 145 -1.27 -14.53 -5.42
C GLY A 145 -0.55 -15.73 -6.00
N SER A 146 0.55 -15.46 -6.66
CA SER A 146 1.37 -16.52 -7.26
C SER A 146 2.77 -16.02 -7.38
N LYS A 147 3.70 -16.90 -7.74
CA LYS A 147 5.10 -16.49 -7.88
C LYS A 147 5.29 -15.39 -8.96
N SER A 148 4.45 -15.39 -10.01
CA SER A 148 4.46 -14.41 -11.08
C SER A 148 3.89 -13.05 -10.65
N GLY A 149 3.11 -13.06 -9.60
CA GLY A 149 2.41 -11.88 -9.08
C GLY A 149 0.97 -11.83 -9.48
N ARG A 150 0.60 -12.59 -10.51
CA ARG A 150 -0.79 -12.60 -10.98
C ARG A 150 -1.67 -13.20 -9.88
N THR A 151 -2.80 -12.54 -9.60
CA THR A 151 -3.73 -13.03 -8.59
C THR A 151 -4.72 -14.01 -9.20
N SER A 152 -5.22 -14.92 -8.36
CA SER A 152 -6.13 -16.01 -8.78
C SER A 152 -7.60 -15.67 -8.52
N LYS A 153 -7.83 -14.61 -7.74
CA LYS A 153 -9.13 -13.96 -7.61
C LYS A 153 -8.92 -12.46 -7.69
N LYS A 154 -10.00 -11.73 -7.96
CA LYS A 154 -9.96 -10.28 -8.02
C LYS A 154 -9.99 -9.71 -6.59
N ILE A 155 -8.87 -9.12 -6.17
CA ILE A 155 -8.71 -8.64 -4.80
C ILE A 155 -8.97 -7.15 -4.76
N VAL A 156 -10.05 -6.74 -4.07
CA VAL A 156 -10.55 -5.35 -4.14
C VAL A 156 -10.56 -4.69 -2.78
N ILE A 157 -10.11 -3.44 -2.73
CA ILE A 157 -10.28 -2.57 -1.57
C ILE A 157 -11.70 -1.99 -1.68
N THR A 158 -12.66 -2.66 -1.01
CA THR A 158 -14.09 -2.27 -1.08
C THR A 158 -14.37 -0.97 -0.31
N ASP A 159 -13.59 -0.74 0.73
CA ASP A 159 -13.70 0.46 1.54
C ASP A 159 -12.36 0.75 2.23
N CYS A 160 -12.19 2.02 2.57
CA CYS A 160 -11.00 2.47 3.25
C CYS A 160 -11.30 3.85 3.88
N GLY A 161 -10.43 4.23 4.81
CA GLY A 161 -10.63 5.47 5.57
C GLY A 161 -9.67 5.64 6.73
N GLN A 162 -9.99 6.61 7.59
CA GLN A 162 -9.18 6.98 8.71
C GLN A 162 -9.90 6.68 10.03
N LEU A 163 -9.23 6.00 10.95
CA LEU A 163 -9.77 5.66 12.28
C LEU A 163 -9.43 6.71 13.34
N SER A 164 -8.28 7.35 13.19
CA SER A 164 -7.82 8.44 14.06
C SER A 164 -6.62 9.18 13.48
#